data_6YHQ
#
_entry.id   6YHQ
#
_cell.length_a   95.080
_cell.length_b   114.990
_cell.length_c   40.680
_cell.angle_alpha   90.000
_cell.angle_beta   90.000
_cell.angle_gamma   90.000
#
_symmetry.space_group_name_H-M   'P 21 21 2'
#
loop_
_entity.id
_entity.type
_entity.pdbx_description
1 polymer 'Fab F5.18.6 anti-Plasmodium vivax AMA1, heavy chain'
2 polymer 'Fab F5.18.6 anti-Plasmodium vivax AMA1, kappa light chain'
3 non-polymer 'ZINC ION'
4 non-polymer 'THIOCYANATE ION'
5 water water
#
loop_
_entity_poly.entity_id
_entity_poly.type
_entity_poly.pdbx_seq_one_letter_code
_entity_poly.pdbx_strand_id
1 'polypeptide(L)'
;EVHLVESGGGLGKPGGSLKLSCAASGFTFSDYYMYWVRQTPEKRLEWVATISDGGRNTYYSDSVKGRFTISRDNAKNNLY
VQMSSLKSEDTAMYYCARGDSSGYGDFAYWGQGTLVTVSAAKTTPPSVYPLAPGSAAQTNSMVTLGCLVKGYFPEPVTVT
WNSGSLSSGVHTFPAVLQSDLYTLSSSVTVPSSTWPSETVTCNVAHPASSTKVDKKIVPR
;
H
2 'polypeptide(L)'
;(PCA)IVLSQSPATLSASPGEKVTMTCSASSSVSLMHWYQQKPGSSPKPWIYAVSNLGSGVPARFSGSGSGTSYSLTISS
VEAEDAAVFYCQQMSNFPPTFGGGTKLEIKRADAAPTVSIFPPSSEQLTSGGASVVCFLNNFYPKDINVKWKIDGSERQN
GVLNSWTDQDSKDSTYSMSSTLTLTKDEYEKHNSYTCEATHKTSTSPIVKSFNRNE
;
L
#
loop_
_chem_comp.id
_chem_comp.type
_chem_comp.name
_chem_comp.formula
SCN non-polymer 'THIOCYANATE ION' 'C N S -1'
ZN non-polymer 'ZINC ION' 'Zn 2'
#
# COMPACT_ATOMS: atom_id res chain seq x y z
N GLU A 1 -15.68 -9.32 -19.04
CA GLU A 1 -14.54 -8.62 -18.47
C GLU A 1 -13.45 -9.62 -18.09
N VAL A 2 -12.19 -9.33 -18.46
CA VAL A 2 -11.06 -10.18 -18.10
C VAL A 2 -10.78 -10.02 -16.60
N HIS A 3 -10.53 -11.15 -15.92
CA HIS A 3 -10.24 -11.12 -14.50
C HIS A 3 -9.11 -12.10 -14.21
N LEU A 4 -8.19 -11.71 -13.32
CA LEU A 4 -7.09 -12.55 -12.85
C LEU A 4 -7.09 -12.47 -11.34
N VAL A 5 -7.11 -13.59 -10.63
CA VAL A 5 -7.17 -13.59 -9.15
C VAL A 5 -6.11 -14.50 -8.54
N GLU A 6 -5.12 -13.91 -7.83
CA GLU A 6 -4.09 -14.74 -7.20
C GLU A 6 -4.50 -15.21 -5.81
N SER A 7 -3.98 -16.37 -5.40
CA SER A 7 -4.18 -16.89 -4.07
C SER A 7 -2.96 -17.72 -3.70
N GLY A 8 -2.84 -18.02 -2.43
CA GLY A 8 -1.73 -18.82 -1.94
C GLY A 8 -0.70 -18.10 -1.11
N GLY A 9 -0.75 -16.78 -1.08
CA GLY A 9 0.23 -15.98 -0.37
C GLY A 9 0.20 -16.14 1.12
N GLY A 10 1.24 -15.70 1.78
CA GLY A 10 1.34 -15.80 3.22
C GLY A 10 2.77 -15.88 3.68
N LEU A 11 3.04 -16.62 4.76
CA LEU A 11 4.38 -16.73 5.30
C LEU A 11 5.06 -17.97 4.77
N GLY A 12 6.26 -17.78 4.23
CA GLY A 12 7.10 -18.86 3.72
C GLY A 12 8.33 -18.98 4.59
N LYS A 13 8.71 -20.19 4.96
CA LYS A 13 9.91 -20.37 5.77
C LYS A 13 11.14 -20.25 4.89
N PRO A 14 12.21 -19.60 5.37
CA PRO A 14 13.43 -19.50 4.56
C PRO A 14 13.95 -20.90 4.25
N GLY A 15 14.18 -21.17 2.98
CA GLY A 15 14.61 -22.50 2.54
C GLY A 15 13.46 -23.43 2.21
N GLY A 16 12.24 -23.02 2.52
CA GLY A 16 11.04 -23.80 2.31
C GLY A 16 10.38 -23.56 0.97
N SER A 17 9.15 -24.07 0.83
CA SER A 17 8.39 -24.02 -0.41
C SER A 17 7.02 -23.40 -0.22
N LEU A 18 6.50 -22.81 -1.28
CA LEU A 18 5.19 -22.18 -1.25
C LEU A 18 4.65 -22.20 -2.68
N LYS A 19 3.37 -22.55 -2.88
CA LYS A 19 2.81 -22.57 -4.22
C LYS A 19 1.76 -21.48 -4.39
N LEU A 20 1.88 -20.64 -5.43
CA LEU A 20 0.87 -19.64 -5.71
C LEU A 20 -0.03 -20.08 -6.83
N SER A 21 -1.29 -19.60 -6.82
CA SER A 21 -2.23 -19.93 -7.87
C SER A 21 -2.85 -18.66 -8.42
N CYS A 22 -3.24 -18.66 -9.67
CA CYS A 22 -3.87 -17.52 -10.30
C CYS A 22 -5.04 -18.03 -11.15
N ALA A 23 -6.27 -17.64 -10.81
CA ALA A 23 -7.45 -18.03 -11.58
C ALA A 23 -7.78 -16.99 -12.66
N ALA A 24 -7.87 -17.43 -13.92
CA ALA A 24 -8.20 -16.53 -15.03
C ALA A 24 -9.61 -16.78 -15.52
N SER A 25 -10.27 -15.72 -16.00
CA SER A 25 -11.62 -15.82 -16.53
C SER A 25 -11.88 -14.63 -17.44
N GLY A 26 -12.80 -14.80 -18.39
CA GLY A 26 -13.18 -13.74 -19.32
C GLY A 26 -12.52 -13.78 -20.69
N PHE A 27 -11.65 -14.76 -20.91
CA PHE A 27 -10.93 -14.91 -22.16
C PHE A 27 -10.53 -16.37 -22.32
N THR A 28 -10.13 -16.75 -23.55
CA THR A 28 -9.64 -18.11 -23.78
C THR A 28 -8.22 -18.14 -23.22
N PHE A 29 -8.07 -18.68 -21.99
CA PHE A 29 -6.82 -18.75 -21.25
C PHE A 29 -5.71 -19.39 -22.07
N SER A 30 -6.04 -20.50 -22.75
CA SER A 30 -5.12 -21.27 -23.58
C SER A 30 -4.56 -20.50 -24.78
N ASP A 31 -5.14 -19.35 -25.14
CA ASP A 31 -4.65 -18.58 -26.29
C ASP A 31 -3.62 -17.50 -25.92
N TYR A 32 -3.24 -17.40 -24.63
CA TYR A 32 -2.32 -16.36 -24.19
C TYR A 32 -1.16 -16.87 -23.37
N TYR A 33 -0.03 -16.19 -23.48
CA TYR A 33 1.13 -16.39 -22.63
C TYR A 33 0.77 -15.75 -21.26
N MET A 34 1.28 -16.35 -20.17
CA MET A 34 0.98 -15.84 -18.84
C MET A 34 2.29 -15.52 -18.09
N TYR A 35 2.30 -14.49 -17.23
CA TYR A 35 3.51 -14.07 -16.50
C TYR A 35 3.27 -13.92 -14.99
N TRP A 36 4.36 -13.98 -14.22
CA TRP A 36 4.39 -13.64 -12.82
C TRP A 36 5.35 -12.42 -12.71
N VAL A 37 4.92 -11.38 -12.04
CA VAL A 37 5.68 -10.14 -11.83
C VAL A 37 5.52 -9.83 -10.38
N ARG A 38 6.62 -9.48 -9.69
CA ARG A 38 6.50 -9.15 -8.29
C ARG A 38 6.92 -7.73 -7.97
N GLN A 39 6.51 -7.24 -6.79
CA GLN A 39 6.86 -5.91 -6.33
C GLN A 39 7.46 -6.06 -4.94
N THR A 40 8.73 -5.69 -4.78
CA THR A 40 9.41 -5.84 -3.50
C THR A 40 8.92 -4.82 -2.46
N PRO A 41 9.25 -4.95 -1.17
CA PRO A 41 8.83 -3.94 -0.18
C PRO A 41 9.34 -2.52 -0.49
N GLU A 42 10.46 -2.41 -1.26
CA GLU A 42 11.02 -1.15 -1.71
C GLU A 42 10.25 -0.57 -2.94
N LYS A 43 9.19 -1.29 -3.41
CA LYS A 43 8.29 -0.97 -4.51
C LYS A 43 8.90 -1.22 -5.92
N ARG A 44 9.94 -2.05 -6.01
CA ARG A 44 10.53 -2.37 -7.30
C ARG A 44 9.74 -3.43 -8.00
N LEU A 45 9.45 -3.23 -9.28
CA LEU A 45 8.72 -4.22 -10.06
C LEU A 45 9.74 -5.07 -10.79
N GLU A 46 9.61 -6.39 -10.67
CA GLU A 46 10.56 -7.32 -11.27
C GLU A 46 9.81 -8.48 -11.88
N TRP A 47 10.01 -8.72 -13.17
CA TRP A 47 9.40 -9.86 -13.86
C TRP A 47 10.03 -11.14 -13.26
N VAL A 48 9.24 -12.19 -13.10
CA VAL A 48 9.69 -13.42 -12.47
C VAL A 48 9.72 -14.55 -13.46
N ALA A 49 8.62 -14.76 -14.21
CA ALA A 49 8.55 -15.89 -15.12
C ALA A 49 7.49 -15.74 -16.19
N THR A 50 7.67 -16.45 -17.31
CA THR A 50 6.72 -16.52 -18.43
C THR A 50 6.47 -17.97 -18.77
N ILE A 51 5.23 -18.27 -19.17
CA ILE A 51 4.87 -19.57 -19.67
C ILE A 51 4.06 -19.36 -20.95
N SER A 52 4.37 -20.11 -21.99
CA SER A 52 3.70 -20.00 -23.27
C SER A 52 2.26 -20.45 -23.17
N ASP A 53 1.45 -20.03 -24.15
CA ASP A 53 0.03 -20.32 -24.29
C ASP A 53 -0.30 -21.79 -24.02
N GLY A 54 0.50 -22.70 -24.59
CA GLY A 54 0.31 -24.13 -24.41
C GLY A 54 1.03 -24.78 -23.24
N GLY A 55 1.83 -24.00 -22.53
CA GLY A 55 2.57 -24.50 -21.37
C GLY A 55 3.86 -25.22 -21.67
N ARG A 56 4.25 -25.27 -22.95
CA ARG A 56 5.46 -25.99 -23.34
C ARG A 56 6.73 -25.18 -23.18
N ASN A 57 6.65 -23.84 -23.17
CA ASN A 57 7.83 -23.00 -23.07
C ASN A 57 7.82 -22.13 -21.82
N THR A 58 8.96 -22.07 -21.13
CA THR A 58 9.09 -21.24 -19.92
C THR A 58 10.35 -20.37 -19.95
N TYR A 59 10.34 -19.28 -19.18
CA TYR A 59 11.44 -18.33 -19.05
C TYR A 59 11.45 -17.92 -17.58
N TYR A 60 12.63 -17.74 -16.96
CA TYR A 60 12.72 -17.35 -15.57
C TYR A 60 13.75 -16.26 -15.37
N SER A 61 13.54 -15.42 -14.34
CA SER A 61 14.56 -14.44 -14.01
C SER A 61 15.75 -15.16 -13.36
N ASP A 62 16.95 -14.58 -13.45
CA ASP A 62 18.14 -15.19 -12.84
C ASP A 62 17.99 -15.40 -11.33
N SER A 63 17.26 -14.48 -10.67
CA SER A 63 17.03 -14.54 -9.24
C SER A 63 16.32 -15.84 -8.84
N VAL A 64 15.36 -16.28 -9.64
CA VAL A 64 14.52 -17.42 -9.32
C VAL A 64 14.81 -18.70 -10.13
N LYS A 65 15.62 -18.65 -11.21
CA LYS A 65 15.90 -19.87 -11.99
C LYS A 65 16.50 -20.97 -11.11
N GLY A 66 16.01 -22.18 -11.30
CA GLY A 66 16.39 -23.35 -10.52
C GLY A 66 15.60 -23.52 -9.23
N ARG A 67 14.85 -22.48 -8.80
CA ARG A 67 14.11 -22.51 -7.55
C ARG A 67 12.62 -22.45 -7.75
N PHE A 68 12.16 -21.66 -8.72
CA PHE A 68 10.72 -21.53 -9.00
C PHE A 68 10.35 -22.33 -10.24
N THR A 69 9.09 -22.78 -10.30
CA THR A 69 8.57 -23.52 -11.45
C THR A 69 7.22 -22.96 -11.85
N ILE A 70 7.13 -22.41 -13.05
CA ILE A 70 5.88 -21.87 -13.56
C ILE A 70 5.17 -22.97 -14.33
N SER A 71 3.86 -23.10 -14.11
CA SER A 71 3.07 -24.13 -14.76
C SER A 71 1.66 -23.62 -15.00
N ARG A 72 0.91 -24.29 -15.90
CA ARG A 72 -0.46 -23.89 -16.16
C ARG A 72 -1.35 -25.12 -16.41
N ASP A 73 -2.62 -24.96 -16.11
CA ASP A 73 -3.60 -26.02 -16.30
C ASP A 73 -4.66 -25.38 -17.17
N ASN A 74 -4.52 -25.56 -18.48
CA ASN A 74 -5.42 -24.95 -19.47
C ASN A 74 -6.86 -25.43 -19.43
N ALA A 75 -7.17 -26.52 -18.69
CA ALA A 75 -8.56 -26.97 -18.53
C ALA A 75 -9.21 -26.22 -17.35
N LYS A 76 -8.42 -25.98 -16.27
CA LYS A 76 -8.93 -25.27 -15.09
C LYS A 76 -8.76 -23.75 -15.17
N ASN A 77 -8.19 -23.21 -16.25
CA ASN A 77 -7.90 -21.77 -16.38
C ASN A 77 -7.01 -21.29 -15.22
N ASN A 78 -6.01 -22.09 -14.82
CA ASN A 78 -5.16 -21.73 -13.70
C ASN A 78 -3.69 -21.62 -14.06
N LEU A 79 -3.06 -20.58 -13.54
CA LEU A 79 -1.63 -20.35 -13.68
C LEU A 79 -1.04 -20.61 -12.31
N TYR A 80 0.14 -21.21 -12.24
CA TYR A 80 0.79 -21.48 -10.96
C TYR A 80 2.24 -21.07 -10.96
N VAL A 81 2.78 -20.96 -9.74
CA VAL A 81 4.20 -20.82 -9.55
C VAL A 81 4.55 -21.54 -8.27
N GLN A 82 5.41 -22.56 -8.37
CA GLN A 82 5.90 -23.28 -7.22
C GLN A 82 7.24 -22.66 -6.81
N MET A 83 7.35 -22.16 -5.60
CA MET A 83 8.57 -21.58 -5.04
C MET A 83 9.28 -22.59 -4.18
N SER A 84 10.61 -22.68 -4.25
CA SER A 84 11.42 -23.56 -3.40
C SER A 84 12.68 -22.81 -2.98
N SER A 85 13.35 -23.28 -1.93
CA SER A 85 14.55 -22.62 -1.40
C SER A 85 14.38 -21.12 -1.22
N LEU A 86 13.24 -20.73 -0.63
CA LEU A 86 12.84 -19.35 -0.40
C LEU A 86 13.94 -18.50 0.28
N LYS A 87 14.20 -17.32 -0.27
CA LYS A 87 15.18 -16.35 0.25
C LYS A 87 14.42 -15.04 0.65
N SER A 88 15.08 -14.12 1.40
CA SER A 88 14.46 -12.86 1.79
C SER A 88 14.10 -12.00 0.58
N GLU A 89 14.88 -12.08 -0.50
CA GLU A 89 14.60 -11.33 -1.73
C GLU A 89 13.30 -11.76 -2.41
N ASP A 90 12.76 -12.94 -2.02
CA ASP A 90 11.49 -13.43 -2.52
C ASP A 90 10.29 -12.73 -1.86
N THR A 91 10.49 -12.03 -0.73
CA THR A 91 9.45 -11.27 -0.02
C THR A 91 8.94 -10.19 -0.93
N ALA A 92 7.66 -10.30 -1.34
CA ALA A 92 7.10 -9.39 -2.34
C ALA A 92 5.58 -9.61 -2.51
N MET A 93 4.89 -8.69 -3.21
CA MET A 93 3.54 -8.89 -3.64
C MET A 93 3.72 -9.55 -5.05
N TYR A 94 3.06 -10.72 -5.29
CA TYR A 94 3.17 -11.44 -6.55
C TYR A 94 1.94 -11.23 -7.32
N TYR A 95 2.08 -10.80 -8.58
CA TYR A 95 0.98 -10.57 -9.51
C TYR A 95 1.09 -11.51 -10.68
N CYS A 96 -0.05 -12.00 -11.17
CA CYS A 96 -0.07 -12.75 -12.41
C CYS A 96 -0.60 -11.78 -13.47
N ALA A 97 -0.02 -11.85 -14.65
CA ALA A 97 -0.34 -10.91 -15.71
C ALA A 97 -0.49 -11.56 -17.06
N ARG A 98 -1.29 -10.95 -17.91
CA ARG A 98 -1.53 -11.41 -19.26
C ARG A 98 -1.12 -10.31 -20.23
N GLY A 99 -0.60 -10.69 -21.38
CA GLY A 99 -0.26 -9.75 -22.44
C GLY A 99 -1.41 -9.67 -23.44
N ASP A 100 -1.16 -9.06 -24.61
CA ASP A 100 -2.20 -8.99 -25.65
C ASP A 100 -1.79 -9.72 -26.94
N SER A 101 -2.74 -9.90 -27.88
CA SER A 101 -2.49 -10.61 -29.14
C SER A 101 -1.74 -9.77 -30.20
N GLY A 103 1.39 -7.46 -30.46
CA GLY A 103 2.18 -8.01 -29.35
C GLY A 103 3.40 -7.16 -29.06
N TYR A 104 3.21 -6.12 -28.22
CA TYR A 104 4.27 -5.17 -27.89
C TYR A 104 5.10 -5.51 -26.63
N GLY A 105 4.69 -6.52 -25.89
CA GLY A 105 5.39 -6.91 -24.68
C GLY A 105 4.91 -6.16 -23.45
N ASP A 106 3.70 -5.58 -23.50
CA ASP A 106 3.13 -4.92 -22.35
C ASP A 106 2.30 -5.89 -21.52
N PHE A 107 2.24 -5.65 -20.21
CA PHE A 107 1.46 -6.44 -19.26
C PHE A 107 0.09 -5.76 -19.21
N ALA A 108 -0.85 -6.18 -20.09
CA ALA A 108 -2.16 -5.54 -20.28
C ALA A 108 -3.21 -5.82 -19.20
N TYR A 109 -3.05 -6.91 -18.47
CA TYR A 109 -4.00 -7.28 -17.42
C TYR A 109 -3.22 -7.77 -16.25
N TRP A 110 -3.55 -7.31 -15.04
CA TRP A 110 -2.85 -7.76 -13.84
C TRP A 110 -3.87 -8.23 -12.80
N GLY A 111 -3.44 -9.09 -11.88
CA GLY A 111 -4.30 -9.51 -10.78
C GLY A 111 -4.28 -8.48 -9.65
N GLN A 112 -5.00 -8.75 -8.57
CA GLN A 112 -5.00 -7.86 -7.40
C GLN A 112 -3.69 -8.02 -6.56
N GLY A 113 -3.02 -9.16 -6.71
CA GLY A 113 -1.77 -9.50 -6.03
C GLY A 113 -1.97 -10.36 -4.79
N THR A 114 -0.98 -11.18 -4.49
CA THR A 114 -0.96 -11.95 -3.24
C THR A 114 0.42 -11.74 -2.60
N LEU A 115 0.43 -11.42 -1.32
CA LEU A 115 1.67 -11.10 -0.60
C LEU A 115 2.36 -12.32 -0.03
N VAL A 116 3.67 -12.48 -0.31
CA VAL A 116 4.49 -13.54 0.23
C VAL A 116 5.55 -12.92 1.13
N THR A 117 5.64 -13.37 2.37
CA THR A 117 6.65 -12.88 3.30
C THR A 117 7.54 -14.06 3.63
N VAL A 118 8.87 -13.92 3.47
CA VAL A 118 9.79 -15.03 3.76
C VAL A 118 10.43 -14.69 5.08
N SER A 119 10.24 -15.53 6.10
CA SER A 119 10.75 -15.22 7.41
C SER A 119 10.64 -16.42 8.34
N ALA A 120 11.54 -16.47 9.32
CA ALA A 120 11.51 -17.46 10.37
C ALA A 120 10.68 -16.94 11.60
N ALA A 121 10.20 -15.69 11.58
CA ALA A 121 9.39 -15.14 12.64
C ALA A 121 8.00 -15.84 12.74
N LYS A 122 7.49 -15.93 13.96
CA LYS A 122 6.26 -16.64 14.22
C LYS A 122 5.05 -15.88 13.78
N THR A 123 4.07 -16.60 13.20
CA THR A 123 2.77 -16.06 12.85
C THR A 123 2.10 -15.73 14.18
N THR A 124 1.63 -14.50 14.31
CA THR A 124 1.01 -14.04 15.54
C THR A 124 -0.30 -13.35 15.19
N PRO A 125 -1.42 -13.66 15.86
CA PRO A 125 -2.68 -12.96 15.50
C PRO A 125 -2.71 -11.52 16.04
N PRO A 126 -3.50 -10.61 15.44
CA PRO A 126 -3.60 -9.25 15.99
C PRO A 126 -4.44 -9.19 17.27
N SER A 127 -4.16 -8.20 18.08
CA SER A 127 -5.01 -7.80 19.19
C SER A 127 -5.69 -6.52 18.67
N VAL A 128 -7.02 -6.50 18.58
CA VAL A 128 -7.75 -5.37 18.00
C VAL A 128 -8.39 -4.55 19.13
N TYR A 129 -8.02 -3.28 19.22
CA TYR A 129 -8.49 -2.42 20.27
C TYR A 129 -9.33 -1.26 19.73
N PRO A 130 -10.51 -1.01 20.34
CA PRO A 130 -11.34 0.11 19.89
C PRO A 130 -10.82 1.42 20.44
N LEU A 131 -10.87 2.48 19.63
CA LEU A 131 -10.42 3.80 20.03
C LEU A 131 -11.63 4.73 20.05
N ALA A 132 -12.16 4.97 21.25
CA ALA A 132 -13.28 5.88 21.51
C ALA A 132 -12.68 7.20 22.09
N PRO A 133 -13.31 8.34 21.80
CA PRO A 133 -12.79 9.63 22.30
C PRO A 133 -12.58 9.75 23.81
N MET A 142 -18.20 16.92 13.68
CA MET A 142 -17.75 15.61 13.20
C MET A 142 -16.83 14.90 14.19
N VAL A 143 -17.06 13.60 14.43
CA VAL A 143 -16.29 12.81 15.39
C VAL A 143 -15.36 11.80 14.72
N THR A 144 -14.18 11.58 15.29
CA THR A 144 -13.23 10.62 14.76
C THR A 144 -13.09 9.45 15.73
N LEU A 145 -13.20 8.23 15.19
CA LEU A 145 -13.05 6.99 15.96
C LEU A 145 -11.94 6.18 15.30
N GLY A 146 -11.45 5.16 16.00
CA GLY A 146 -10.39 4.35 15.42
C GLY A 146 -10.33 2.93 15.90
N CYS A 147 -9.41 2.20 15.29
CA CYS A 147 -9.16 0.83 15.70
CA CYS A 147 -9.19 0.80 15.54
C CYS A 147 -7.67 0.59 15.60
N LEU A 148 -7.12 -0.05 16.64
CA LEU A 148 -5.69 -0.28 16.68
C LEU A 148 -5.52 -1.77 16.56
N VAL A 149 -4.79 -2.22 15.54
CA VAL A 149 -4.54 -3.61 15.23
C VAL A 149 -3.08 -3.84 15.55
N LYS A 150 -2.83 -4.39 16.76
CA LYS A 150 -1.47 -4.49 17.29
C LYS A 150 -0.88 -5.92 17.43
N GLY A 151 0.41 -6.03 17.17
CA GLY A 151 1.18 -7.25 17.42
C GLY A 151 0.92 -8.46 16.57
N TYR A 152 0.78 -8.28 15.24
CA TYR A 152 0.53 -9.42 14.36
C TYR A 152 1.69 -9.67 13.43
N PHE A 153 1.72 -10.85 12.84
CA PHE A 153 2.74 -11.21 11.85
C PHE A 153 2.24 -12.43 11.12
N PRO A 154 2.43 -12.53 9.82
CA PRO A 154 2.97 -11.50 8.92
C PRO A 154 1.84 -10.57 8.44
N GLU A 155 2.20 -9.63 7.56
CA GLU A 155 1.24 -8.85 6.82
C GLU A 155 0.59 -9.82 5.82
N PRO A 156 -0.62 -9.51 5.30
CA PRO A 156 -1.41 -8.31 5.54
C PRO A 156 -2.57 -8.57 6.51
N VAL A 157 -3.21 -7.48 6.93
CA VAL A 157 -4.51 -7.51 7.60
C VAL A 157 -5.43 -6.67 6.72
N THR A 158 -6.73 -6.93 6.76
CA THR A 158 -7.69 -6.05 6.08
C THR A 158 -8.54 -5.42 7.13
N VAL A 159 -8.80 -4.12 7.01
CA VAL A 159 -9.68 -3.42 7.94
C VAL A 159 -10.83 -2.79 7.17
N THR A 160 -12.06 -3.06 7.59
CA THR A 160 -13.23 -2.36 7.07
C THR A 160 -13.97 -1.72 8.25
N TRP A 161 -14.89 -0.80 7.95
CA TRP A 161 -15.71 -0.17 8.98
C TRP A 161 -17.13 -0.39 8.55
N ASN A 162 -17.97 -0.94 9.43
CA ASN A 162 -19.37 -1.29 9.14
C ASN A 162 -19.51 -2.15 7.90
N SER A 163 -18.61 -3.13 7.77
CA SER A 163 -18.58 -4.08 6.65
C SER A 163 -18.31 -3.43 5.29
N GLY A 164 -17.70 -2.25 5.28
CA GLY A 164 -17.42 -1.51 4.04
C GLY A 164 -18.32 -0.31 3.80
N SER A 165 -19.47 -0.25 4.50
CA SER A 165 -20.41 0.84 4.37
C SER A 165 -19.85 2.21 4.73
N LEU A 166 -18.85 2.27 5.62
CA LEU A 166 -18.27 3.56 6.03
C LEU A 166 -17.04 4.00 5.27
N SER A 167 -16.70 3.35 4.15
CA SER A 167 -15.52 3.63 3.30
C SER A 167 -15.07 5.12 3.15
N SER A 168 -16.01 6.07 3.11
CA SER A 168 -15.66 7.50 3.02
C SER A 168 -15.21 8.03 4.40
N GLY A 169 -14.15 8.82 4.41
CA GLY A 169 -13.64 9.38 5.67
C GLY A 169 -12.80 8.41 6.51
N VAL A 170 -12.36 7.32 5.90
CA VAL A 170 -11.50 6.31 6.51
C VAL A 170 -10.05 6.57 6.10
N HIS A 171 -9.13 6.41 7.03
CA HIS A 171 -7.70 6.44 6.77
C HIS A 171 -7.14 5.18 7.42
N THR A 172 -6.74 4.16 6.65
CA THR A 172 -6.13 2.97 7.23
C THR A 172 -4.65 3.17 6.96
N PHE A 173 -3.86 3.31 8.01
CA PHE A 173 -2.44 3.62 7.89
C PHE A 173 -1.56 2.40 7.65
N PRO A 174 -0.47 2.56 6.88
CA PRO A 174 0.47 1.44 6.66
C PRO A 174 1.02 0.92 8.00
N ALA A 175 1.17 -0.38 8.12
CA ALA A 175 1.70 -1.01 9.30
C ALA A 175 3.18 -0.68 9.50
N VAL A 176 3.60 -0.70 10.75
CA VAL A 176 4.98 -0.45 11.10
C VAL A 176 5.47 -1.71 11.81
N LEU A 177 6.66 -2.18 11.47
CA LEU A 177 7.26 -3.38 12.03
C LEU A 177 8.22 -2.99 13.14
N GLN A 178 8.13 -3.69 14.26
CA GLN A 178 9.00 -3.49 15.41
C GLN A 178 9.16 -4.83 16.08
N SER A 179 10.37 -5.37 16.07
CA SER A 179 10.69 -6.64 16.73
C SER A 179 9.80 -7.79 16.25
N ASP A 180 9.72 -7.94 14.94
CA ASP A 180 8.97 -8.98 14.23
C ASP A 180 7.45 -8.94 14.39
N LEU A 181 6.87 -7.81 14.84
CA LEU A 181 5.40 -7.70 14.91
C LEU A 181 5.00 -6.38 14.30
N TYR A 182 3.88 -6.38 13.58
CA TYR A 182 3.34 -5.19 12.97
C TYR A 182 2.26 -4.58 13.85
N THR A 183 2.06 -3.28 13.69
CA THR A 183 0.97 -2.55 14.30
C THR A 183 0.43 -1.58 13.28
N LEU A 184 -0.90 -1.55 13.12
CA LEU A 184 -1.51 -0.54 12.29
C LEU A 184 -2.71 0.07 12.99
N SER A 185 -3.09 1.27 12.54
CA SER A 185 -4.26 1.93 13.06
C SER A 185 -5.12 2.35 11.86
N SER A 186 -6.38 2.58 12.14
CA SER A 186 -7.34 2.97 11.11
C SER A 186 -8.31 3.94 11.74
N SER A 187 -8.53 5.10 11.13
CA SER A 187 -9.48 6.09 11.65
C SER A 187 -10.67 6.18 10.73
N VAL A 188 -11.81 6.60 11.27
CA VAL A 188 -13.07 6.80 10.56
C VAL A 188 -13.73 8.07 11.13
N THR A 189 -14.02 9.04 10.26
CA THR A 189 -14.62 10.30 10.67
C THR A 189 -16.04 10.36 10.18
N VAL A 190 -16.98 10.46 11.10
CA VAL A 190 -18.39 10.50 10.76
C VAL A 190 -19.03 11.78 11.35
N PRO A 191 -20.13 12.31 10.76
CA PRO A 191 -20.82 13.45 11.40
C PRO A 191 -21.27 13.10 12.83
N SER A 192 -21.25 14.07 13.77
CA SER A 192 -21.62 13.78 15.16
C SER A 192 -23.05 13.24 15.32
N SER A 193 -23.91 13.51 14.33
CA SER A 193 -25.27 12.99 14.33
C SER A 193 -25.32 11.49 14.15
N THR A 194 -24.23 10.85 13.62
CA THR A 194 -24.26 9.41 13.41
C THR A 194 -23.66 8.63 14.57
N TRP A 195 -22.67 9.14 15.32
CA TRP A 195 -22.12 8.39 16.46
C TRP A 195 -22.15 9.26 17.71
N PRO A 196 -22.52 8.75 18.89
CA PRO A 196 -22.83 7.35 19.22
C PRO A 196 -24.26 6.86 19.04
N SER A 197 -25.14 7.64 18.39
CA SER A 197 -26.52 7.25 18.14
C SER A 197 -26.63 6.05 17.21
N GLU A 198 -25.66 5.88 16.30
CA GLU A 198 -25.60 4.73 15.39
C GLU A 198 -24.34 3.90 15.73
N THR A 199 -24.36 2.58 15.44
CA THR A 199 -23.21 1.73 15.79
C THR A 199 -22.08 1.80 14.76
N VAL A 200 -20.82 1.79 15.24
CA VAL A 200 -19.66 1.82 14.37
C VAL A 200 -18.82 0.61 14.76
N THR A 201 -18.50 -0.27 13.80
CA THR A 201 -17.74 -1.48 14.09
C THR A 201 -16.58 -1.57 13.12
N CYS A 202 -15.39 -1.89 13.65
CA CYS A 202 -14.25 -2.14 12.75
CA CYS A 202 -14.17 -2.11 12.89
C CYS A 202 -14.10 -3.63 12.62
N ASN A 203 -13.90 -4.07 11.38
CA ASN A 203 -13.81 -5.47 11.03
C ASN A 203 -12.38 -5.76 10.60
N VAL A 204 -11.70 -6.63 11.32
CA VAL A 204 -10.32 -6.98 11.04
C VAL A 204 -10.23 -8.44 10.62
N ALA A 205 -9.41 -8.71 9.60
CA ALA A 205 -9.15 -10.07 9.13
C ALA A 205 -7.66 -10.22 8.99
N HIS A 206 -7.11 -11.31 9.53
CA HIS A 206 -5.69 -11.66 9.45
C HIS A 206 -5.63 -13.08 8.94
N PRO A 207 -5.72 -13.25 7.60
CA PRO A 207 -5.75 -14.59 7.01
C PRO A 207 -4.60 -15.51 7.38
N ALA A 208 -3.37 -15.01 7.53
CA ALA A 208 -2.25 -15.88 7.92
C ALA A 208 -2.53 -16.58 9.27
N SER A 209 -3.26 -15.91 10.22
CA SER A 209 -3.62 -16.60 11.49
C SER A 209 -5.03 -17.12 11.50
N SER A 210 -5.75 -17.11 10.39
CA SER A 210 -7.14 -17.56 10.33
C SER A 210 -8.02 -16.85 11.41
N THR A 211 -7.87 -15.51 11.53
CA THR A 211 -8.62 -14.73 12.53
C THR A 211 -9.44 -13.61 11.90
N LYS A 212 -10.69 -13.46 12.36
CA LYS A 212 -11.50 -12.31 11.99
C LYS A 212 -12.01 -11.72 13.31
N VAL A 213 -11.90 -10.41 13.52
CA VAL A 213 -12.35 -9.77 14.76
C VAL A 213 -13.23 -8.59 14.39
N ASP A 214 -14.41 -8.48 15.02
CA ASP A 214 -15.32 -7.33 14.84
C ASP A 214 -15.33 -6.62 16.18
N LYS A 215 -15.07 -5.33 16.18
CA LYS A 215 -15.04 -4.54 17.42
C LYS A 215 -15.95 -3.33 17.27
N LYS A 216 -17.06 -3.30 18.01
CA LYS A 216 -17.97 -2.16 18.04
C LYS A 216 -17.30 -1.05 18.86
N ILE A 217 -17.37 0.22 18.42
CA ILE A 217 -16.75 1.33 19.17
C ILE A 217 -17.83 1.88 20.07
N VAL A 218 -17.76 1.63 21.38
CA VAL A 218 -18.78 2.17 22.28
C VAL A 218 -18.21 3.37 23.07
N PRO A 219 -19.04 4.37 23.43
CA PRO A 219 -18.52 5.48 24.26
C PRO A 219 -17.97 5.00 25.58
N ARG A 220 -16.93 5.66 26.08
CA ARG A 220 -16.27 5.32 27.35
C ARG A 220 -17.16 5.52 28.58
N PCA B 1 21.00 -7.27 -18.19
CA PCA B 1 19.67 -6.79 -18.61
CB PCA B 1 18.69 -7.15 -17.47
CG PCA B 1 19.56 -7.94 -16.46
CD PCA B 1 20.96 -7.92 -17.02
OE PCA B 1 21.94 -8.42 -16.46
C PCA B 1 19.64 -5.27 -18.82
O PCA B 1 20.52 -4.58 -18.35
N ILE B 2 18.59 -4.77 -19.51
CA ILE B 2 18.46 -3.34 -19.73
C ILE B 2 18.01 -2.62 -18.46
N VAL B 3 18.81 -1.66 -18.00
CA VAL B 3 18.48 -0.89 -16.82
C VAL B 3 17.66 0.31 -17.26
N LEU B 4 16.48 0.55 -16.63
CA LEU B 4 15.66 1.71 -16.92
C LEU B 4 15.78 2.67 -15.73
N SER B 5 16.24 3.90 -15.99
CA SER B 5 16.43 4.92 -14.98
C SER B 5 15.41 6.03 -15.20
N GLN B 6 14.51 6.22 -14.22
CA GLN B 6 13.48 7.26 -14.31
C GLN B 6 13.82 8.54 -13.57
N SER B 7 13.48 9.70 -14.18
CA SER B 7 13.76 11.00 -13.57
C SER B 7 12.59 11.93 -13.79
N PRO B 8 12.31 12.83 -12.84
CA PRO B 8 12.89 12.89 -11.49
C PRO B 8 12.24 11.83 -10.58
N ALA B 9 12.73 11.65 -9.34
CA ALA B 9 12.11 10.71 -8.40
C ALA B 9 10.72 11.20 -8.03
N THR B 10 10.59 12.53 -7.82
CA THR B 10 9.34 13.12 -7.46
C THR B 10 9.08 14.38 -8.30
N LEU B 11 7.87 14.48 -8.87
CA LEU B 11 7.34 15.65 -9.55
C LEU B 11 6.28 16.22 -8.61
N SER B 12 6.13 17.54 -8.53
CA SER B 12 5.12 18.17 -7.72
C SER B 12 4.57 19.35 -8.48
N ALA B 13 3.29 19.34 -8.80
CA ALA B 13 2.70 20.39 -9.60
C ALA B 13 1.32 20.75 -9.15
N SER B 14 0.91 22.00 -9.40
CA SER B 14 -0.44 22.46 -9.08
C SER B 14 -1.38 22.06 -10.20
N PRO B 15 -2.66 21.79 -9.92
CA PRO B 15 -3.59 21.42 -11.00
C PRO B 15 -3.60 22.43 -12.14
N GLY B 16 -3.59 21.94 -13.38
CA GLY B 16 -3.54 22.80 -14.54
C GLY B 16 -2.14 22.98 -15.10
N GLU B 17 -1.10 22.63 -14.30
CA GLU B 17 0.29 22.75 -14.75
C GLU B 17 0.73 21.53 -15.56
N LYS B 18 1.81 21.69 -16.35
CA LYS B 18 2.37 20.62 -17.16
C LYS B 18 3.60 20.02 -16.49
N VAL B 19 3.73 18.70 -16.56
CA VAL B 19 4.91 18.00 -16.09
C VAL B 19 5.32 16.97 -17.13
N THR B 20 6.61 16.69 -17.17
CA THR B 20 7.18 15.68 -18.05
C THR B 20 8.11 14.81 -17.22
N MET B 21 7.95 13.49 -17.33
CA MET B 21 8.84 12.56 -16.65
C MET B 21 9.55 11.73 -17.71
N THR B 22 10.80 11.35 -17.47
CA THR B 22 11.57 10.61 -18.47
C THR B 22 12.06 9.26 -17.98
N CYS B 23 12.26 8.37 -18.94
CA CYS B 23 12.70 7.02 -18.72
C CYS B 23 13.89 6.75 -19.65
N SER B 24 15.08 6.56 -19.10
CA SER B 24 16.29 6.36 -19.88
C SER B 24 16.74 4.90 -19.80
N ALA B 25 17.01 4.29 -20.95
CA ALA B 25 17.42 2.89 -20.99
C ALA B 25 18.92 2.75 -21.21
N SER B 26 19.56 1.75 -20.58
CA SER B 26 21.00 1.48 -20.77
C SER B 26 21.35 1.03 -22.21
N SER B 27 20.37 0.59 -22.98
CA SER B 27 20.55 0.24 -24.38
C SER B 27 19.34 0.72 -25.17
N SER B 28 19.48 0.85 -26.50
CA SER B 28 18.36 1.30 -27.31
C SER B 28 17.21 0.27 -27.29
N VAL B 29 15.96 0.75 -27.11
CA VAL B 29 14.79 -0.14 -27.16
C VAL B 29 13.84 0.39 -28.23
N SER B 30 13.01 -0.50 -28.79
CA SER B 30 12.08 -0.10 -29.85
C SER B 30 10.82 0.55 -29.35
N LEU B 31 10.39 0.24 -28.13
CA LEU B 31 9.13 0.78 -27.57
C LEU B 31 9.24 0.95 -26.03
N MET B 32 8.36 1.76 -25.43
CA MET B 32 8.31 1.91 -23.98
C MET B 32 6.87 1.86 -23.51
N HIS B 33 6.62 1.10 -22.46
CA HIS B 33 5.30 0.97 -21.89
C HIS B 33 5.30 1.70 -20.55
N TRP B 34 4.15 2.21 -20.12
CA TRP B 34 4.04 2.93 -18.85
C TRP B 34 2.86 2.44 -18.05
N TYR B 35 3.01 2.41 -16.73
CA TYR B 35 1.93 1.99 -15.82
C TYR B 35 1.73 3.04 -14.75
N GLN B 36 0.51 3.19 -14.27
CA GLN B 36 0.21 4.11 -13.17
C GLN B 36 -0.19 3.23 -11.96
N GLN B 37 0.44 3.43 -10.80
CA GLN B 37 0.09 2.66 -9.61
C GLN B 37 -0.29 3.58 -8.42
N LYS B 38 -1.40 3.25 -7.75
CA LYS B 38 -1.88 3.92 -6.54
C LYS B 38 -1.79 2.92 -5.36
N PRO B 39 -1.50 3.43 -4.15
CA PRO B 39 -1.43 2.54 -2.96
C PRO B 39 -2.61 1.59 -2.81
N GLY B 40 -2.32 0.32 -2.54
CA GLY B 40 -3.37 -0.67 -2.35
C GLY B 40 -3.88 -1.33 -3.60
N SER B 41 -3.27 -1.05 -4.76
CA SER B 41 -3.70 -1.71 -6.00
C SER B 41 -2.55 -2.02 -6.96
N SER B 42 -2.83 -2.88 -7.92
CA SER B 42 -1.86 -3.30 -8.91
C SER B 42 -1.54 -2.16 -9.88
N PRO B 43 -0.36 -2.22 -10.53
CA PRO B 43 -0.06 -1.22 -11.56
C PRO B 43 -1.10 -1.32 -12.69
N LYS B 44 -1.58 -0.19 -13.21
CA LYS B 44 -2.57 -0.19 -14.27
C LYS B 44 -1.90 0.16 -15.58
N PRO B 45 -2.24 -0.56 -16.66
CA PRO B 45 -1.70 -0.21 -17.99
C PRO B 45 -2.07 1.25 -18.30
N TRP B 46 -1.08 2.08 -18.67
CA TRP B 46 -1.36 3.50 -18.89
C TRP B 46 -1.06 3.94 -20.32
N ILE B 47 0.10 3.58 -20.80
CA ILE B 47 0.53 3.86 -22.15
C ILE B 47 1.20 2.59 -22.68
N TYR B 48 0.84 2.13 -23.90
CA TYR B 48 1.49 0.96 -24.49
C TYR B 48 2.06 1.35 -25.83
N ALA B 49 3.21 0.76 -26.18
CA ALA B 49 3.93 1.01 -27.41
C ALA B 49 4.18 2.50 -27.65
N VAL B 50 4.83 3.14 -26.65
CA VAL B 50 5.34 4.52 -26.61
C VAL B 50 4.29 5.62 -26.51
N SER B 51 3.26 5.60 -27.36
CA SER B 51 2.31 6.71 -27.43
C SER B 51 0.83 6.36 -27.40
N ASN B 52 0.48 5.07 -27.31
CA ASN B 52 -0.96 4.71 -27.32
C ASN B 52 -1.49 4.68 -25.92
N LEU B 53 -2.53 5.45 -25.66
CA LEU B 53 -3.13 5.49 -24.33
C LEU B 53 -3.97 4.27 -24.10
N GLY B 54 -3.86 3.74 -22.89
CA GLY B 54 -4.67 2.62 -22.45
C GLY B 54 -6.13 3.01 -22.34
N SER B 55 -7.03 2.02 -22.27
CA SER B 55 -8.46 2.33 -22.17
C SER B 55 -8.81 3.07 -20.88
N GLY B 56 -9.44 4.23 -21.04
CA GLY B 56 -9.84 5.08 -19.92
C GLY B 56 -8.85 6.16 -19.56
N VAL B 57 -7.65 6.13 -20.16
CA VAL B 57 -6.63 7.12 -19.87
C VAL B 57 -6.98 8.42 -20.59
N PRO B 58 -7.11 9.53 -19.85
CA PRO B 58 -7.51 10.81 -20.50
C PRO B 58 -6.51 11.32 -21.52
N ALA B 59 -6.99 12.09 -22.52
CA ALA B 59 -6.17 12.63 -23.61
C ALA B 59 -5.10 13.63 -23.18
N ARG B 60 -5.11 14.06 -21.91
CA ARG B 60 -4.07 14.96 -21.40
C ARG B 60 -2.73 14.24 -21.16
N PHE B 61 -2.74 12.91 -21.14
CA PHE B 61 -1.52 12.14 -21.02
C PHE B 61 -1.02 11.87 -22.43
N SER B 62 0.28 11.95 -22.62
CA SER B 62 0.90 11.60 -23.88
C SER B 62 2.26 10.97 -23.63
N GLY B 63 2.69 10.16 -24.58
CA GLY B 63 3.99 9.51 -24.50
C GLY B 63 4.77 9.73 -25.78
N SER B 64 6.07 9.85 -25.67
CA SER B 64 6.95 10.01 -26.81
C SER B 64 8.35 9.45 -26.50
N GLY B 65 9.23 9.43 -27.48
CA GLY B 65 10.58 8.92 -27.31
C GLY B 65 10.99 7.93 -28.37
N SER B 66 12.27 7.57 -28.33
CA SER B 66 12.92 6.63 -29.24
C SER B 66 14.31 6.34 -28.67
N GLY B 67 14.88 5.24 -29.13
CA GLY B 67 16.22 4.85 -28.73
C GLY B 67 16.40 4.58 -27.26
N THR B 68 17.27 5.37 -26.61
CA THR B 68 17.52 5.18 -25.19
C THR B 68 16.75 6.14 -24.28
N SER B 69 15.82 6.94 -24.80
CA SER B 69 15.14 7.94 -23.97
C SER B 69 13.70 8.09 -24.35
N TYR B 70 12.83 8.00 -23.35
CA TYR B 70 11.39 8.09 -23.56
C TYR B 70 10.77 8.99 -22.52
N SER B 71 9.57 9.53 -22.78
CA SER B 71 8.95 10.42 -21.82
C SER B 71 7.45 10.31 -21.73
N LEU B 72 6.90 10.72 -20.59
CA LEU B 72 5.46 10.73 -20.37
C LEU B 72 5.11 12.15 -19.92
N THR B 73 4.18 12.81 -20.61
CA THR B 73 3.80 14.19 -20.28
C THR B 73 2.33 14.26 -19.89
N ILE B 74 2.03 15.11 -18.90
CA ILE B 74 0.67 15.36 -18.49
C ILE B 74 0.53 16.86 -18.75
N SER B 75 -0.26 17.24 -19.73
CA SER B 75 -0.39 18.63 -20.16
C SER B 75 -1.03 19.54 -19.11
N SER B 76 -2.05 19.03 -18.43
CA SER B 76 -2.74 19.73 -17.37
C SER B 76 -2.96 18.70 -16.27
N VAL B 77 -2.13 18.72 -15.22
CA VAL B 77 -2.26 17.74 -14.15
C VAL B 77 -3.51 17.98 -13.31
N GLU B 78 -4.09 16.90 -12.76
CA GLU B 78 -5.31 16.92 -11.95
C GLU B 78 -5.11 16.14 -10.65
N ALA B 79 -5.96 16.37 -9.62
CA ALA B 79 -5.85 15.71 -8.33
C ALA B 79 -5.69 14.18 -8.44
N GLU B 80 -6.49 13.55 -9.32
CA GLU B 80 -6.49 12.09 -9.57
C GLU B 80 -5.16 11.55 -10.13
N ASP B 81 -4.25 12.43 -10.57
CA ASP B 81 -2.96 11.99 -11.10
C ASP B 81 -1.90 11.70 -10.04
N ALA B 82 -2.21 11.97 -8.75
CA ALA B 82 -1.32 11.66 -7.63
C ALA B 82 -1.11 10.14 -7.59
N ALA B 83 0.00 9.67 -8.15
CA ALA B 83 0.33 8.26 -8.31
C ALA B 83 1.82 8.10 -8.64
N VAL B 84 2.34 6.86 -8.68
CA VAL B 84 3.69 6.56 -9.09
C VAL B 84 3.58 5.94 -10.47
N PHE B 85 4.37 6.45 -11.43
CA PHE B 85 4.36 6.00 -12.82
C PHE B 85 5.63 5.21 -13.10
N TYR B 86 5.47 4.04 -13.71
CA TYR B 86 6.61 3.17 -14.02
C TYR B 86 6.76 2.97 -15.50
N CYS B 87 8.00 2.93 -16.01
CA CYS B 87 8.21 2.61 -17.41
C CYS B 87 8.73 1.16 -17.47
N GLN B 88 8.53 0.51 -18.62
CA GLN B 88 8.89 -0.89 -18.78
C GLN B 88 9.17 -1.18 -20.25
N GLN B 89 10.23 -1.93 -20.50
CA GLN B 89 10.58 -2.32 -21.86
C GLN B 89 10.50 -3.85 -22.01
N MET B 90 10.23 -4.32 -23.23
CA MET B 90 10.27 -5.72 -23.59
C MET B 90 10.88 -5.84 -25.01
N SER B 91 11.96 -5.10 -25.27
CA SER B 91 12.69 -5.17 -26.54
C SER B 91 13.88 -6.11 -26.39
N ASN B 92 14.45 -6.20 -25.20
CA ASN B 92 15.53 -7.13 -24.88
C ASN B 92 15.06 -7.99 -23.72
N PHE B 93 15.46 -9.26 -23.72
CA PHE B 93 15.09 -10.16 -22.66
C PHE B 93 16.12 -10.13 -21.52
N PRO B 94 15.68 -10.03 -20.26
CA PRO B 94 14.29 -10.03 -19.78
C PRO B 94 13.62 -8.67 -19.77
N PRO B 95 12.24 -8.64 -19.74
CA PRO B 95 11.56 -7.34 -19.58
C PRO B 95 11.97 -6.70 -18.25
N THR B 96 12.18 -5.37 -18.26
CA THR B 96 12.64 -4.67 -17.05
C THR B 96 11.79 -3.45 -16.78
N PHE B 97 11.80 -3.00 -15.53
CA PHE B 97 11.03 -1.82 -15.13
C PHE B 97 11.93 -0.74 -14.58
N GLY B 98 11.52 0.51 -14.72
CA GLY B 98 12.19 1.64 -14.09
C GLY B 98 11.75 1.75 -12.64
N GLY B 99 12.45 2.52 -11.83
CA GLY B 99 12.12 2.67 -10.41
C GLY B 99 10.92 3.54 -10.05
N GLY B 100 10.27 4.10 -11.05
CA GLY B 100 9.09 4.93 -10.88
C GLY B 100 9.35 6.40 -10.59
N THR B 101 8.40 7.25 -10.97
CA THR B 101 8.41 8.68 -10.68
C THR B 101 7.08 8.96 -9.97
N LYS B 102 7.12 9.52 -8.75
CA LYS B 102 5.87 9.85 -8.06
C LYS B 102 5.41 11.27 -8.38
N LEU B 103 4.12 11.42 -8.63
CA LEU B 103 3.53 12.71 -8.88
C LEU B 103 2.76 13.23 -7.66
N GLU B 104 3.17 14.37 -7.09
CA GLU B 104 2.46 14.99 -5.97
C GLU B 104 1.69 16.16 -6.54
N ILE B 105 0.38 16.24 -6.26
CA ILE B 105 -0.44 17.31 -6.76
C ILE B 105 -0.57 18.38 -5.67
N LYS B 106 -0.07 19.59 -5.90
CA LYS B 106 -0.19 20.67 -4.94
C LYS B 106 -1.64 21.14 -4.75
N ARG B 107 -1.94 21.66 -3.58
CA ARG B 107 -3.25 22.19 -3.23
C ARG B 107 -3.06 23.35 -2.24
N ALA B 108 -4.17 24.02 -1.86
CA ALA B 108 -4.08 25.09 -0.86
C ALA B 108 -3.73 24.43 0.50
N ASP B 109 -2.79 25.01 1.27
CA ASP B 109 -2.42 24.49 2.58
C ASP B 109 -3.64 24.19 3.48
N ALA B 110 -3.65 23.01 4.13
CA ALA B 110 -4.76 22.61 4.98
C ALA B 110 -4.24 22.14 6.34
N ALA B 111 -4.93 22.54 7.42
CA ALA B 111 -4.48 22.20 8.77
C ALA B 111 -4.84 20.77 9.11
N PRO B 112 -3.97 20.08 9.86
CA PRO B 112 -4.31 18.69 10.26
C PRO B 112 -5.46 18.70 11.25
N THR B 113 -6.40 17.76 11.09
CA THR B 113 -7.48 17.60 12.05
C THR B 113 -6.93 16.58 13.04
N VAL B 114 -6.61 17.03 14.27
CA VAL B 114 -5.96 16.18 15.25
C VAL B 114 -6.94 15.50 16.22
N SER B 115 -6.75 14.20 16.50
CA SER B 115 -7.61 13.47 17.44
C SER B 115 -6.75 12.60 18.32
N ILE B 116 -7.01 12.58 19.64
CA ILE B 116 -6.23 11.75 20.57
C ILE B 116 -7.13 10.73 21.25
N PHE B 117 -6.61 9.53 21.49
CA PHE B 117 -7.38 8.45 22.11
C PHE B 117 -6.57 7.81 23.22
N PRO B 118 -7.14 7.69 24.42
CA PRO B 118 -6.42 7.01 25.50
C PRO B 118 -6.37 5.49 25.26
N PRO B 119 -5.55 4.74 26.02
CA PRO B 119 -5.58 3.27 25.92
C PRO B 119 -7.00 2.73 26.09
N SER B 120 -7.36 1.68 25.33
CA SER B 120 -8.66 1.06 25.51
C SER B 120 -8.64 0.31 26.83
N SER B 121 -9.81 0.10 27.42
CA SER B 121 -9.93 -0.71 28.64
C SER B 121 -9.50 -2.16 28.31
N GLU B 122 -9.78 -2.64 27.07
CA GLU B 122 -9.35 -3.98 26.64
C GLU B 122 -7.80 -4.16 26.72
N GLN B 123 -7.03 -3.20 26.20
CA GLN B 123 -5.57 -3.31 26.21
C GLN B 123 -5.00 -3.26 27.62
N LEU B 124 -5.55 -2.37 28.46
CA LEU B 124 -5.16 -2.22 29.87
C LEU B 124 -5.31 -3.55 30.62
N THR B 125 -6.33 -4.32 30.26
CA THR B 125 -6.63 -5.66 30.79
C THR B 125 -5.45 -6.66 30.51
N SER B 126 -4.64 -6.41 29.46
CA SER B 126 -3.48 -7.24 29.18
C SER B 126 -2.13 -6.60 29.59
N GLY B 127 -2.15 -5.51 30.35
CA GLY B 127 -0.93 -4.87 30.84
C GLY B 127 -0.30 -3.82 29.94
N GLY B 128 -0.94 -3.49 28.83
CA GLY B 128 -0.39 -2.54 27.88
C GLY B 128 -1.17 -1.26 27.82
N ALA B 129 -0.57 -0.20 27.28
CA ALA B 129 -1.23 1.10 27.18
C ALA B 129 -0.71 1.89 26.00
N SER B 130 -1.39 1.86 24.85
CA SER B 130 -0.98 2.65 23.71
C SER B 130 -1.89 3.88 23.66
N VAL B 131 -1.30 5.06 23.49
CA VAL B 131 -2.05 6.30 23.34
C VAL B 131 -1.92 6.67 21.83
N VAL B 132 -3.02 6.81 21.10
CA VAL B 132 -2.99 7.04 19.66
C VAL B 132 -3.41 8.45 19.26
N CYS B 133 -2.72 9.02 18.27
CA CYS B 133 -3.04 10.32 17.75
C CYS B 133 -3.14 10.25 16.24
N PHE B 134 -4.21 10.80 15.67
CA PHE B 134 -4.39 10.88 14.21
C PHE B 134 -4.29 12.37 13.84
N LEU B 135 -3.48 12.72 12.82
CA LEU B 135 -3.33 14.10 12.33
C LEU B 135 -3.79 13.96 10.87
N ASN B 136 -5.08 14.21 10.62
CA ASN B 136 -5.70 13.89 9.34
C ASN B 136 -5.95 15.04 8.34
N ASN B 137 -5.92 14.69 7.04
CA ASN B 137 -6.17 15.58 5.90
C ASN B 137 -5.46 16.94 5.97
N PHE B 138 -4.13 16.95 5.95
CA PHE B 138 -3.35 18.19 5.93
C PHE B 138 -2.47 18.33 4.66
N TYR B 139 -2.04 19.57 4.34
CA TYR B 139 -1.14 19.85 3.21
C TYR B 139 -0.28 21.07 3.59
N PRO B 140 1.07 21.08 3.42
CA PRO B 140 1.96 20.08 2.84
C PRO B 140 2.24 18.87 3.74
N LYS B 141 2.92 17.85 3.18
CA LYS B 141 3.23 16.60 3.86
C LYS B 141 4.13 16.75 5.07
N ASP B 142 4.93 17.83 5.12
CA ASP B 142 5.88 18.06 6.19
C ASP B 142 5.14 18.42 7.48
N ILE B 143 5.39 17.64 8.53
CA ILE B 143 4.76 17.82 9.84
C ILE B 143 5.65 17.21 10.93
N ASN B 144 5.58 17.78 12.13
CA ASN B 144 6.32 17.27 13.27
C ASN B 144 5.28 16.94 14.36
N VAL B 145 5.46 15.82 15.04
CA VAL B 145 4.55 15.44 16.12
C VAL B 145 5.36 15.17 17.37
N LYS B 146 4.92 15.72 18.50
CA LYS B 146 5.53 15.55 19.80
C LYS B 146 4.51 14.96 20.75
N TRP B 147 4.99 14.19 21.71
CA TRP B 147 4.13 13.63 22.74
C TRP B 147 4.47 14.28 24.04
N LYS B 148 3.48 14.70 24.80
CA LYS B 148 3.72 15.31 26.12
C LYS B 148 2.91 14.61 27.19
N ILE B 149 3.54 14.36 28.34
CA ILE B 149 2.92 13.69 29.47
C ILE B 149 3.12 14.60 30.65
N ASP B 150 2.01 15.09 31.20
CA ASP B 150 2.00 15.98 32.35
C ASP B 150 2.81 17.24 32.09
N GLY B 151 2.74 17.75 30.87
CA GLY B 151 3.40 19.00 30.52
C GLY B 151 4.84 18.89 30.04
N SER B 152 5.40 17.68 29.93
CA SER B 152 6.78 17.53 29.43
C SER B 152 6.86 16.52 28.28
N GLU B 153 7.72 16.79 27.28
CA GLU B 153 7.89 15.94 26.12
C GLU B 153 8.42 14.58 26.48
N ARG B 154 7.79 13.54 25.92
CA ARG B 154 8.16 12.15 26.09
C ARG B 154 8.69 11.60 24.79
N GLN B 155 9.92 11.08 24.81
CA GLN B 155 10.53 10.46 23.64
C GLN B 155 10.89 9.02 23.99
N ASN B 156 10.82 8.12 22.97
CA ASN B 156 11.08 6.67 22.98
C ASN B 156 9.79 5.84 23.14
N GLY B 157 9.60 4.86 22.26
CA GLY B 157 8.40 4.04 22.23
C GLY B 157 7.27 4.64 21.40
N VAL B 158 7.62 5.52 20.45
CA VAL B 158 6.68 6.19 19.56
C VAL B 158 6.83 5.60 18.15
N LEU B 159 5.71 5.14 17.56
CA LEU B 159 5.73 4.62 16.20
C LEU B 159 4.83 5.49 15.33
N ASN B 160 5.36 6.00 14.21
CA ASN B 160 4.61 6.87 13.32
C ASN B 160 4.38 6.22 11.98
N SER B 161 3.27 6.58 11.32
CA SER B 161 2.94 6.05 10.01
C SER B 161 2.24 7.13 9.20
N TRP B 162 2.58 7.24 7.93
CA TRP B 162 1.99 8.24 7.04
C TRP B 162 1.29 7.59 5.88
N THR B 163 0.21 8.18 5.42
CA THR B 163 -0.49 7.69 4.24
C THR B 163 0.11 8.36 3.00
N ASP B 164 -0.17 7.78 1.81
CA ASP B 164 0.20 8.40 0.55
C ASP B 164 -0.80 9.54 0.30
N GLN B 165 -0.53 10.40 -0.70
CA GLN B 165 -1.42 11.51 -1.00
C GLN B 165 -2.81 11.04 -1.40
N ASP B 166 -3.83 11.71 -0.90
CA ASP B 166 -5.22 11.37 -1.22
C ASP B 166 -5.51 11.75 -2.66
N SER B 167 -6.17 10.89 -3.44
CA SER B 167 -6.48 11.18 -4.83
C SER B 167 -7.62 12.17 -5.02
N LYS B 168 -8.51 12.29 -4.02
CA LYS B 168 -9.68 13.18 -4.12
C LYS B 168 -9.38 14.59 -3.63
N ASP B 169 -8.71 14.73 -2.47
CA ASP B 169 -8.48 16.07 -1.94
C ASP B 169 -7.02 16.45 -1.77
N SER B 170 -6.09 15.64 -2.29
CA SER B 170 -4.66 15.96 -2.29
C SER B 170 -4.02 16.21 -0.92
N THR B 171 -4.59 15.64 0.14
CA THR B 171 -4.02 15.81 1.48
C THR B 171 -3.23 14.55 1.94
N TYR B 172 -2.51 14.69 3.06
CA TYR B 172 -1.81 13.63 3.73
C TYR B 172 -2.42 13.40 5.12
N SER B 173 -2.11 12.26 5.74
CA SER B 173 -2.56 11.97 7.09
C SER B 173 -1.44 11.21 7.79
N MET B 174 -1.41 11.29 9.10
CA MET B 174 -0.39 10.61 9.88
C MET B 174 -0.98 10.04 11.15
N SER B 175 -0.45 8.91 11.59
CA SER B 175 -0.84 8.29 12.85
C SER B 175 0.42 8.27 13.73
N SER B 176 0.26 8.53 15.02
CA SER B 176 1.36 8.48 15.97
C SER B 176 0.88 7.65 17.16
N THR B 177 1.68 6.66 17.60
CA THR B 177 1.29 5.82 18.73
C THR B 177 2.38 5.77 19.72
N LEU B 178 2.09 6.14 20.96
CA LEU B 178 3.02 6.08 22.08
C LEU B 178 2.64 4.84 22.91
N THR B 179 3.51 3.83 23.02
CA THR B 179 3.18 2.64 23.78
C THR B 179 3.91 2.61 25.13
N LEU B 180 3.16 2.55 26.20
CA LEU B 180 3.69 2.46 27.55
C LEU B 180 3.18 1.16 28.19
N THR B 181 3.65 0.81 29.40
CA THR B 181 3.04 -0.28 30.15
C THR B 181 1.84 0.34 30.88
N LYS B 182 0.89 -0.49 31.35
CA LYS B 182 -0.24 -0.02 32.11
C LYS B 182 0.25 0.68 33.40
N ASP B 183 1.24 0.11 34.05
CA ASP B 183 1.80 0.71 35.28
C ASP B 183 2.36 2.10 35.03
N GLU B 184 3.14 2.29 33.96
CA GLU B 184 3.72 3.59 33.64
C GLU B 184 2.65 4.58 33.22
N TYR B 185 1.66 4.13 32.39
CA TYR B 185 0.55 4.95 31.94
C TYR B 185 -0.24 5.48 33.16
N GLU B 186 -0.47 4.59 34.16
CA GLU B 186 -1.26 4.96 35.32
C GLU B 186 -0.47 5.78 36.35
N LYS B 187 0.83 6.04 36.13
CA LYS B 187 1.58 6.94 37.01
C LYS B 187 1.43 8.42 36.58
N HIS B 188 0.75 8.70 35.42
CA HIS B 188 0.58 10.08 34.95
C HIS B 188 -0.86 10.42 34.67
N ASN B 189 -1.16 11.68 34.38
CA ASN B 189 -2.56 12.08 34.20
C ASN B 189 -2.87 12.85 32.94
N SER B 190 -1.98 13.74 32.48
CA SER B 190 -2.27 14.52 31.28
C SER B 190 -1.52 14.00 30.06
N TYR B 191 -2.21 13.78 28.94
CA TYR B 191 -1.54 13.26 27.75
C TYR B 191 -1.88 14.14 26.60
N THR B 192 -0.86 14.63 25.91
CA THR B 192 -1.02 15.54 24.80
C THR B 192 -0.28 15.08 23.53
N CYS B 193 -0.97 15.24 22.40
CA CYS B 193 -0.43 15.01 21.08
C CYS B 193 -0.29 16.42 20.50
N GLU B 194 0.95 16.85 20.18
CA GLU B 194 1.24 18.21 19.70
C GLU B 194 1.77 18.27 18.27
N ALA B 195 1.02 18.86 17.33
CA ALA B 195 1.50 18.98 15.95
C ALA B 195 2.06 20.36 15.63
N THR B 196 3.13 20.41 14.83
CA THR B 196 3.64 21.68 14.31
C THR B 196 3.58 21.59 12.80
N HIS B 197 2.71 22.42 12.19
CA HIS B 197 2.46 22.46 10.75
C HIS B 197 2.55 23.92 10.25
N LYS B 198 2.99 24.15 9.00
CA LYS B 198 3.17 25.52 8.49
C LYS B 198 1.88 26.36 8.43
N THR B 199 0.71 25.72 8.54
CA THR B 199 -0.59 26.39 8.51
C THR B 199 -0.99 27.06 9.84
N SER B 200 -0.06 27.18 10.79
CA SER B 200 -0.34 27.76 12.10
C SER B 200 0.98 28.04 12.78
N THR B 201 1.16 29.26 13.29
CA THR B 201 2.38 29.61 14.01
C THR B 201 2.42 28.94 15.42
N SER B 202 1.25 28.57 15.94
CA SER B 202 1.13 27.89 17.22
C SER B 202 0.91 26.39 16.98
N PRO B 203 1.32 25.55 17.94
CA PRO B 203 1.07 24.12 17.78
C PRO B 203 -0.41 23.76 17.80
N ILE B 204 -0.78 22.70 17.11
CA ILE B 204 -2.15 22.23 17.08
C ILE B 204 -2.18 21.07 18.06
N VAL B 205 -2.93 21.18 19.17
CA VAL B 205 -2.92 20.14 20.19
C VAL B 205 -4.28 19.52 20.47
N LYS B 206 -4.26 18.30 20.97
CA LYS B 206 -5.40 17.53 21.44
C LYS B 206 -4.89 16.82 22.67
N SER B 207 -5.64 16.93 23.77
CA SER B 207 -5.26 16.36 25.07
C SER B 207 -6.39 15.62 25.73
N PHE B 208 -6.04 14.77 26.69
CA PHE B 208 -7.02 14.15 27.57
C PHE B 208 -6.41 14.06 28.96
N ASN B 209 -7.28 14.04 29.96
CA ASN B 209 -6.82 13.95 31.35
C ASN B 209 -7.44 12.72 31.95
N ARG B 210 -6.63 11.90 32.62
CA ARG B 210 -7.12 10.68 33.27
C ARG B 210 -8.15 10.92 34.37
N ASN B 211 -8.32 12.15 34.82
CA ASN B 211 -9.34 12.46 35.81
C ASN B 211 -10.73 12.40 35.11
N GLU B 212 -10.83 12.83 33.83
CA GLU B 212 -12.06 12.85 33.04
C GLU B 212 -12.65 11.46 32.78
ZN ZN C . 6.44 7.95 34.44
S SCN D . 7.72 6.77 38.91
C SCN D . 7.23 7.25 37.26
N SCN D . 6.94 7.56 36.24
#